data_1ZIH
#
_entry.id   1ZIH
#
_cell.length_a   1.000
_cell.length_b   1.000
_cell.length_c   1.000
_cell.angle_alpha   90.00
_cell.angle_beta   90.00
_cell.angle_gamma   90.00
#
_symmetry.space_group_name_H-M   'P 1'
#
_entity_poly.entity_id   1
_entity_poly.type   'polyribonucleotide'
_entity_poly.pdbx_seq_one_letter_code
;GGGCGCAAGCCU
;
_entity_poly.pdbx_strand_id   A
#